data_8G8O
#
_entry.id   8G8O
#
_cell.length_a   36.580
_cell.length_b   179.560
_cell.length_c   52.210
_cell.angle_alpha   90.00
_cell.angle_beta   110.53
_cell.angle_gamma   90.00
#
_symmetry.space_group_name_H-M   'P 1 21 1'
#
loop_
_entity.id
_entity.type
_entity.pdbx_description
1 polymer 'Tyrosine-protein kinase JAK2'
2 non-polymer [1-{5-methyl-2-[(3-methyl-1,2-thiazol-5-yl)amino]pyrimidin-4-yl}-3-(4-methylpiperazin-1-yl)azetidin-3-yl]acetonitrile
3 non-polymer 'DIMETHYL SULFOXIDE'
4 non-polymer 1,2-ETHANEDIOL
5 water water
#
_entity_poly.entity_id   1
_entity_poly.type   'polypeptide(L)'
_entity_poly.pdbx_seq_one_letter_code
;MHHHHHHTSLYKKAGFLVPRGSEDRDPTQFEERHLKFLQQLGKGNFGSVEMCRYDPLQDNTGEVVAVKKLQHSTEEHLRD
FEREIEILKSLQHDNIVKYKGVCYSAGRRNLKLIMEYLPYGSLRDYLQKHKERIDHIKLLQYTSQICKGMEYLGTKRYIH
RDLATRNILVENENRVKIGDFGLTKVLPQDKE(PTR)(PTR)KVKEPGESPIFWYAPESLTESKFSVASDVWSFGVVLYE
LFTYIEKSKSPPAEFMRMIGNDKQGQSIVTHLIELLKNNGRLPRPDGCPDEIYMIMTECWNNNVNQRPSFRDLALRVDQI
RDNMAG
;
_entity_poly.pdbx_strand_id   A,B
#
# COMPACT_ATOMS: atom_id res chain seq x y z
N THR A 28 -24.94 11.01 -36.02
CA THR A 28 -26.19 11.42 -35.31
C THR A 28 -26.07 12.91 -34.93
N GLN A 29 -27.07 13.73 -35.27
CA GLN A 29 -27.07 15.21 -35.05
C GLN A 29 -27.59 15.52 -33.65
N PHE A 30 -26.94 16.44 -32.92
CA PHE A 30 -27.42 16.92 -31.61
C PHE A 30 -27.80 18.40 -31.75
N GLU A 31 -29.06 18.75 -31.44
CA GLU A 31 -29.57 20.15 -31.33
C GLU A 31 -29.39 20.66 -29.90
N GLU A 32 -28.74 21.83 -29.74
CA GLU A 32 -28.45 22.45 -28.42
C GLU A 32 -29.73 22.53 -27.59
N ARG A 33 -30.84 22.89 -28.22
CA ARG A 33 -32.13 23.16 -27.52
C ARG A 33 -32.60 21.91 -26.76
N HIS A 34 -32.14 20.71 -27.15
CA HIS A 34 -32.50 19.43 -26.48
C HIS A 34 -31.38 18.95 -25.56
N LEU A 35 -30.23 19.62 -25.55
CA LEU A 35 -29.10 19.28 -24.64
C LEU A 35 -29.33 19.94 -23.26
N LYS A 36 -29.69 19.16 -22.24
CA LYS A 36 -30.08 19.69 -20.91
C LYS A 36 -28.96 19.42 -19.92
N PHE A 37 -28.41 20.49 -19.34
CA PHE A 37 -27.33 20.50 -18.33
C PHE A 37 -27.82 19.81 -17.06
N LEU A 38 -27.08 18.79 -16.58
CA LEU A 38 -27.42 18.09 -15.31
C LEU A 38 -26.38 18.47 -14.25
N GLN A 39 -25.09 18.39 -14.56
CA GLN A 39 -24.03 18.45 -13.50
C GLN A 39 -22.68 18.67 -14.17
N GLN A 40 -21.83 19.50 -13.55
CA GLN A 40 -20.40 19.70 -13.94
C GLN A 40 -19.62 18.48 -13.42
N LEU A 41 -18.81 17.88 -14.27
CA LEU A 41 -18.09 16.62 -13.97
C LEU A 41 -16.65 16.99 -13.64
N GLY A 42 -16.08 17.91 -14.42
CA GLY A 42 -14.66 18.31 -14.28
C GLY A 42 -14.41 19.60 -15.04
N LYS A 43 -13.51 20.41 -14.51
CA LYS A 43 -13.08 21.70 -15.11
C LYS A 43 -11.55 21.64 -15.18
N GLY A 44 -10.98 22.09 -16.30
CA GLY A 44 -9.52 22.18 -16.55
C GLY A 44 -9.14 23.63 -16.67
N ASN A 45 -7.93 23.93 -17.16
CA ASN A 45 -7.49 25.33 -17.41
C ASN A 45 -8.26 25.86 -18.63
N PHE A 46 -8.46 25.02 -19.66
CA PHE A 46 -8.98 25.39 -21.00
C PHE A 46 -10.21 24.56 -21.40
N GLY A 47 -10.74 23.70 -20.52
CA GLY A 47 -11.90 22.84 -20.85
C GLY A 47 -12.86 22.67 -19.69
N SER A 48 -14.06 22.17 -19.97
CA SER A 48 -15.04 21.71 -18.96
C SER A 48 -15.81 20.54 -19.58
N VAL A 49 -16.13 19.55 -18.74
CA VAL A 49 -16.98 18.38 -19.10
C VAL A 49 -18.22 18.44 -18.22
N GLU A 50 -19.39 18.25 -18.85
CA GLU A 50 -20.71 18.34 -18.20
C GLU A 50 -21.47 17.04 -18.48
N MET A 51 -22.23 16.60 -17.49
CA MET A 51 -23.30 15.58 -17.64
C MET A 51 -24.52 16.29 -18.21
N CYS A 52 -25.00 15.83 -19.37
CA CYS A 52 -26.21 16.37 -20.02
C CYS A 52 -27.13 15.22 -20.43
N ARG A 53 -28.43 15.47 -20.39
CA ARG A 53 -29.48 14.60 -20.98
C ARG A 53 -29.75 15.15 -22.38
N TYR A 54 -29.70 14.30 -23.40
CA TYR A 54 -30.18 14.70 -24.75
C TYR A 54 -31.64 14.26 -24.82
N ASP A 55 -32.56 15.23 -24.82
CA ASP A 55 -34.01 14.96 -24.61
C ASP A 55 -34.85 15.67 -25.67
N PRO A 56 -34.88 15.17 -26.93
CA PRO A 56 -35.77 15.70 -27.96
C PRO A 56 -37.27 15.46 -27.72
N LEU A 57 -37.63 14.65 -26.73
CA LEU A 57 -39.03 14.39 -26.31
C LEU A 57 -39.32 15.20 -25.04
N GLN A 58 -38.31 15.89 -24.49
CA GLN A 58 -38.42 16.80 -23.31
C GLN A 58 -39.33 16.18 -22.26
N ASP A 59 -39.15 14.87 -21.99
CA ASP A 59 -39.94 14.07 -21.02
C ASP A 59 -39.01 13.42 -19.98
N ASN A 60 -37.74 13.78 -19.94
CA ASN A 60 -36.71 13.27 -18.98
C ASN A 60 -36.27 11.84 -19.33
N THR A 61 -36.56 11.35 -20.55
CA THR A 61 -36.24 9.96 -21.02
C THR A 61 -35.00 9.95 -21.93
N GLY A 62 -34.54 11.10 -22.42
CA GLY A 62 -33.34 11.19 -23.26
C GLY A 62 -32.11 10.62 -22.58
N GLU A 63 -31.20 10.11 -23.43
CA GLU A 63 -29.87 9.50 -23.12
C GLU A 63 -29.00 10.54 -22.40
N VAL A 64 -28.51 10.23 -21.20
CA VAL A 64 -27.43 10.99 -20.49
C VAL A 64 -26.14 10.84 -21.29
N VAL A 65 -25.46 11.96 -21.57
CA VAL A 65 -24.17 12.02 -22.32
C VAL A 65 -23.20 12.93 -21.56
N ALA A 66 -21.93 12.89 -21.94
CA ALA A 66 -20.87 13.75 -21.43
C ALA A 66 -20.58 14.74 -22.55
N VAL A 67 -20.44 16.02 -22.20
CA VAL A 67 -20.34 17.16 -23.13
C VAL A 67 -19.06 17.92 -22.76
N LYS A 68 -18.07 17.97 -23.66
CA LYS A 68 -16.84 18.78 -23.49
C LYS A 68 -17.01 20.09 -24.28
N LYS A 69 -16.53 21.19 -23.68
CA LYS A 69 -16.49 22.54 -24.30
C LYS A 69 -15.35 23.34 -23.66
N LEU A 70 -15.02 24.49 -24.25
CA LEU A 70 -13.88 25.36 -23.88
C LEU A 70 -14.32 26.36 -22.79
N GLN A 71 -13.35 26.91 -22.05
CA GLN A 71 -13.51 28.01 -21.07
C GLN A 71 -12.29 28.93 -21.11
N THR A 74 -10.40 31.15 -27.08
CA THR A 74 -9.48 31.67 -28.13
C THR A 74 -9.70 30.92 -29.45
N GLU A 75 -9.01 31.33 -30.52
CA GLU A 75 -9.03 30.70 -31.87
C GLU A 75 -8.00 29.55 -31.98
N GLU A 76 -6.89 29.64 -31.23
CA GLU A 76 -5.85 28.57 -31.15
C GLU A 76 -6.47 27.33 -30.46
N HIS A 77 -7.08 27.52 -29.28
CA HIS A 77 -7.68 26.44 -28.46
C HIS A 77 -8.80 25.79 -29.27
N LEU A 78 -9.49 26.59 -30.10
CA LEU A 78 -10.62 26.14 -30.92
C LEU A 78 -10.11 25.30 -32.10
N ARG A 79 -8.97 25.68 -32.68
CA ARG A 79 -8.31 24.88 -33.75
C ARG A 79 -7.91 23.53 -33.13
N ASP A 80 -7.32 23.56 -31.92
CA ASP A 80 -6.85 22.36 -31.20
C ASP A 80 -8.04 21.45 -30.88
N PHE A 81 -9.15 22.00 -30.36
CA PHE A 81 -10.40 21.27 -29.99
C PHE A 81 -10.98 20.57 -31.22
N GLU A 82 -11.01 21.26 -32.36
CA GLU A 82 -11.47 20.66 -33.63
C GLU A 82 -10.61 19.44 -33.95
N ARG A 83 -9.30 19.53 -33.71
CA ARG A 83 -8.35 18.41 -33.94
C ARG A 83 -8.70 17.33 -32.93
N GLU A 84 -8.93 17.71 -31.66
CA GLU A 84 -9.26 16.73 -30.59
C GLU A 84 -10.50 15.93 -31.03
N ILE A 85 -11.51 16.61 -31.60
CA ILE A 85 -12.80 16.02 -32.06
C ILE A 85 -12.54 15.04 -33.21
N GLU A 86 -11.71 15.44 -34.20
CA GLU A 86 -11.37 14.56 -35.35
C GLU A 86 -10.70 13.31 -34.81
N ILE A 87 -9.75 13.47 -33.89
CA ILE A 87 -8.98 12.36 -33.24
C ILE A 87 -9.94 11.33 -32.63
N LEU A 88 -10.87 11.73 -31.76
CA LEU A 88 -11.77 10.78 -31.05
C LEU A 88 -12.75 10.16 -32.03
N LYS A 89 -13.22 10.92 -33.03
CA LYS A 89 -14.15 10.40 -34.07
C LYS A 89 -13.45 9.24 -34.80
N SER A 90 -12.12 9.32 -34.97
CA SER A 90 -11.35 8.31 -35.73
C SER A 90 -11.17 7.04 -34.91
N LEU A 91 -11.39 7.09 -33.58
CA LEU A 91 -11.15 5.96 -32.63
C LEU A 91 -12.45 5.18 -32.36
N GLN A 92 -12.41 3.87 -32.64
CA GLN A 92 -13.46 2.88 -32.28
C GLN A 92 -12.81 1.73 -31.50
N HIS A 93 -12.96 1.66 -30.16
CA HIS A 93 -12.24 0.60 -29.38
C HIS A 93 -12.85 0.45 -27.99
N ASP A 94 -12.83 -0.78 -27.47
CA ASP A 94 -13.42 -1.17 -26.17
C ASP A 94 -12.89 -0.22 -25.09
N ASN A 95 -11.63 0.23 -25.21
CA ASN A 95 -10.88 0.93 -24.15
C ASN A 95 -10.61 2.37 -24.55
N ILE A 96 -11.49 2.96 -25.35
CA ILE A 96 -11.50 4.42 -25.65
C ILE A 96 -12.95 4.91 -25.49
N VAL A 97 -13.18 6.00 -24.74
CA VAL A 97 -14.51 6.64 -24.59
C VAL A 97 -15.12 6.80 -26.01
N LYS A 98 -16.41 6.48 -26.15
CA LYS A 98 -17.15 6.50 -27.44
C LYS A 98 -17.53 7.94 -27.82
N TYR A 99 -16.98 8.44 -28.93
CA TYR A 99 -17.52 9.60 -29.68
C TYR A 99 -18.99 9.38 -30.03
N LYS A 100 -19.86 10.34 -29.70
CA LYS A 100 -21.27 10.29 -30.17
C LYS A 100 -21.54 11.37 -31.22
N GLY A 101 -21.03 12.59 -31.05
CA GLY A 101 -21.22 13.66 -32.05
C GLY A 101 -20.71 15.00 -31.58
N VAL A 102 -21.21 16.05 -32.24
CA VAL A 102 -20.92 17.50 -32.02
C VAL A 102 -22.26 18.24 -31.83
N CYS A 103 -22.24 19.42 -31.19
CA CYS A 103 -23.44 20.25 -30.94
C CYS A 103 -23.08 21.75 -31.03
N TYR A 104 -23.60 22.44 -32.05
CA TYR A 104 -23.23 23.83 -32.44
C TYR A 104 -24.44 24.74 -32.17
N SER A 105 -24.19 25.97 -31.74
CA SER A 105 -25.21 27.06 -31.69
C SER A 105 -25.41 27.67 -33.08
N GLY A 107 -21.74 28.09 -35.43
CA GLY A 107 -21.39 27.81 -34.02
C GLY A 107 -19.95 27.32 -33.91
N ARG A 108 -19.10 28.08 -33.23
CA ARG A 108 -17.67 27.74 -32.97
C ARG A 108 -17.33 28.12 -31.52
N ARG A 109 -17.73 29.32 -31.09
CA ARG A 109 -17.71 29.78 -29.67
C ARG A 109 -18.44 28.75 -28.78
N ASN A 110 -19.56 28.17 -29.24
CA ASN A 110 -20.41 27.22 -28.46
C ASN A 110 -20.23 25.78 -28.95
N LEU A 111 -19.09 25.44 -29.57
CA LEU A 111 -18.82 24.05 -30.06
C LEU A 111 -18.69 23.10 -28.88
N LYS A 112 -19.44 21.99 -28.92
CA LYS A 112 -19.39 20.93 -27.88
C LYS A 112 -19.12 19.58 -28.55
N LEU A 113 -18.28 18.80 -27.89
CA LEU A 113 -17.98 17.40 -28.24
C LEU A 113 -18.81 16.53 -27.28
N ILE A 114 -19.61 15.63 -27.86
CA ILE A 114 -20.55 14.78 -27.10
C ILE A 114 -20.04 13.35 -27.16
N MET A 115 -19.98 12.73 -26.00
CA MET A 115 -19.33 11.43 -25.73
C MET A 115 -20.32 10.63 -24.90
N GLU A 116 -20.09 9.34 -24.77
CA GLU A 116 -20.84 8.54 -23.80
C GLU A 116 -20.55 9.09 -22.42
N TYR A 117 -21.53 8.97 -21.52
CA TYR A 117 -21.41 9.23 -20.07
C TYR A 117 -21.10 7.89 -19.40
N LEU A 118 -19.93 7.79 -18.77
CA LEU A 118 -19.55 6.63 -17.92
C LEU A 118 -19.79 7.01 -16.47
N PRO A 119 -20.79 6.39 -15.83
CA PRO A 119 -21.25 6.82 -14.51
C PRO A 119 -20.25 6.66 -13.35
N TYR A 120 -19.14 5.90 -13.49
CA TYR A 120 -18.22 5.64 -12.36
C TYR A 120 -17.09 6.67 -12.37
N GLY A 121 -16.95 7.41 -13.48
CA GLY A 121 -16.04 8.55 -13.57
C GLY A 121 -14.60 8.14 -13.72
N SER A 122 -13.66 8.97 -13.25
CA SER A 122 -12.23 8.74 -13.51
C SER A 122 -11.75 7.55 -12.66
N LEU A 123 -10.78 6.77 -13.18
CA LEU A 123 -10.12 5.68 -12.42
C LEU A 123 -9.52 6.30 -11.15
N ARG A 124 -9.08 7.56 -11.21
CA ARG A 124 -8.50 8.27 -10.05
C ARG A 124 -9.53 8.32 -8.91
N ASP A 125 -10.75 8.79 -9.16
CA ASP A 125 -11.80 8.96 -8.12
C ASP A 125 -12.39 7.58 -7.75
N TYR A 126 -12.58 6.71 -8.72
CA TYR A 126 -13.12 5.36 -8.52
C TYR A 126 -12.21 4.60 -7.55
N LEU A 127 -10.89 4.63 -7.75
CA LEU A 127 -9.90 3.90 -6.92
C LEU A 127 -9.86 4.48 -5.50
N GLN A 128 -9.78 5.81 -5.39
CA GLN A 128 -9.92 6.58 -4.12
C GLN A 128 -11.18 6.14 -3.36
N LYS A 129 -12.33 6.07 -4.03
CA LYS A 129 -13.64 5.72 -3.41
C LYS A 129 -13.69 4.26 -2.98
N HIS A 130 -13.22 3.33 -3.84
CA HIS A 130 -13.60 1.89 -3.82
C HIS A 130 -12.38 1.01 -3.58
N LYS A 131 -11.24 1.61 -3.20
CA LYS A 131 -9.94 0.90 -3.05
C LYS A 131 -10.07 -0.33 -2.15
N GLU A 132 -10.91 -0.29 -1.11
CA GLU A 132 -10.97 -1.37 -0.09
C GLU A 132 -11.63 -2.62 -0.71
N ARG A 133 -12.08 -2.53 -1.96
CA ARG A 133 -12.74 -3.62 -2.72
C ARG A 133 -11.98 -3.89 -4.00
N ILE A 134 -10.77 -3.37 -4.16
CA ILE A 134 -10.00 -3.51 -5.43
C ILE A 134 -8.65 -4.14 -5.09
N ASP A 135 -8.40 -5.35 -5.59
CA ASP A 135 -7.17 -6.09 -5.24
C ASP A 135 -6.18 -5.92 -6.38
N HIS A 136 -5.07 -6.62 -6.30
CA HIS A 136 -3.95 -6.51 -7.26
C HIS A 136 -4.41 -7.01 -8.62
N ILE A 137 -5.20 -8.08 -8.59
CA ILE A 137 -5.78 -8.76 -9.77
C ILE A 137 -6.56 -7.70 -10.54
N LYS A 138 -7.47 -6.97 -9.86
CA LYS A 138 -8.30 -5.92 -10.47
C LYS A 138 -7.41 -4.81 -11.06
N LEU A 139 -6.42 -4.32 -10.34
CA LEU A 139 -5.48 -3.28 -10.88
C LEU A 139 -4.87 -3.80 -12.19
N LEU A 140 -4.49 -5.07 -12.23
CA LEU A 140 -3.79 -5.63 -13.42
C LEU A 140 -4.76 -5.75 -14.60
N GLN A 141 -6.03 -6.04 -14.34
CA GLN A 141 -7.08 -6.04 -15.37
C GLN A 141 -7.18 -4.64 -16.01
N TYR A 142 -7.34 -3.59 -15.20
CA TYR A 142 -7.35 -2.17 -15.64
C TYR A 142 -6.06 -1.85 -16.41
N THR A 143 -4.90 -2.14 -15.85
CA THR A 143 -3.57 -1.92 -16.50
C THR A 143 -3.60 -2.49 -17.91
N SER A 144 -4.01 -3.76 -18.07
CA SER A 144 -4.03 -4.47 -19.37
C SER A 144 -4.90 -3.67 -20.34
N GLN A 145 -6.08 -3.21 -19.91
CA GLN A 145 -7.02 -2.46 -20.80
C GLN A 145 -6.45 -1.11 -21.20
N ILE A 146 -5.79 -0.41 -20.26
CA ILE A 146 -5.03 0.82 -20.60
C ILE A 146 -4.03 0.48 -21.74
N CYS A 147 -3.21 -0.54 -21.57
CA CYS A 147 -2.19 -0.92 -22.59
C CYS A 147 -2.85 -1.14 -23.95
N LYS A 148 -3.96 -1.88 -24.00
CA LYS A 148 -4.62 -2.20 -25.29
C LYS A 148 -5.19 -0.91 -25.91
N GLY A 149 -5.86 -0.06 -25.12
CA GLY A 149 -6.27 1.29 -25.58
C GLY A 149 -5.10 2.06 -26.14
N MET A 150 -4.01 2.11 -25.39
CA MET A 150 -2.75 2.79 -25.83
C MET A 150 -2.13 2.08 -27.04
N GLU A 151 -2.16 0.76 -27.13
CA GLU A 151 -1.61 0.07 -28.31
C GLU A 151 -2.37 0.55 -29.54
N TYR A 152 -3.70 0.69 -29.45
CA TYR A 152 -4.55 1.08 -30.61
C TYR A 152 -4.21 2.53 -31.03
N LEU A 153 -4.07 3.43 -30.07
CA LEU A 153 -3.60 4.83 -30.30
C LEU A 153 -2.29 4.78 -31.09
N GLY A 154 -1.42 3.85 -30.73
CA GLY A 154 -0.14 3.61 -31.44
C GLY A 154 -0.40 3.38 -32.92
N THR A 155 -1.36 2.53 -33.28
CA THR A 155 -1.61 2.08 -34.68
C THR A 155 -2.01 3.29 -35.55
N LYS A 156 -2.54 4.35 -34.95
CA LYS A 156 -2.98 5.57 -35.67
C LYS A 156 -1.87 6.62 -35.66
N ARG A 157 -0.79 6.37 -34.92
CA ARG A 157 0.39 7.29 -34.76
C ARG A 157 -0.07 8.48 -33.90
N TYR A 158 -1.00 8.26 -32.96
CA TYR A 158 -1.46 9.31 -32.02
C TYR A 158 -0.64 9.20 -30.73
N ILE A 159 -0.05 10.32 -30.28
CA ILE A 159 0.64 10.42 -28.96
C ILE A 159 -0.31 11.12 -27.98
N HIS A 160 -0.68 10.44 -26.90
CA HIS A 160 -1.66 10.91 -25.90
C HIS A 160 -1.11 12.12 -25.15
N ARG A 161 0.10 12.00 -24.58
CA ARG A 161 0.83 13.09 -23.84
C ARG A 161 0.22 13.43 -22.46
N ASP A 162 -0.86 12.78 -22.02
CA ASP A 162 -1.58 13.11 -20.75
C ASP A 162 -2.02 11.80 -20.07
N LEU A 163 -1.23 10.72 -20.22
CA LEU A 163 -1.62 9.40 -19.70
C LEU A 163 -1.52 9.45 -18.17
N ALA A 164 -2.67 9.42 -17.48
CA ALA A 164 -2.83 9.51 -16.01
C ALA A 164 -4.21 8.95 -15.63
N THR A 165 -4.35 8.34 -14.46
CA THR A 165 -5.62 7.74 -13.97
C THR A 165 -6.75 8.79 -14.01
N ARG A 166 -6.47 10.10 -13.93
CA ARG A 166 -7.54 11.16 -14.00
C ARG A 166 -8.11 11.20 -15.44
N ASN A 167 -7.38 10.67 -16.43
CA ASN A 167 -7.82 10.70 -17.85
C ASN A 167 -8.27 9.31 -18.30
N ILE A 168 -8.54 8.42 -17.35
CA ILE A 168 -9.06 7.04 -17.57
C ILE A 168 -10.43 6.98 -16.87
N LEU A 169 -11.47 6.55 -17.59
CA LEU A 169 -12.86 6.42 -17.07
C LEU A 169 -13.19 4.97 -16.75
N VAL A 170 -14.05 4.76 -15.76
CA VAL A 170 -14.52 3.41 -15.37
C VAL A 170 -15.92 3.22 -15.96
N GLU A 171 -16.06 2.27 -16.88
CA GLU A 171 -17.38 1.95 -17.48
C GLU A 171 -18.15 1.13 -16.45
N ASN A 172 -17.50 0.08 -15.97
CA ASN A 172 -18.03 -0.80 -14.90
C ASN A 172 -16.86 -1.44 -14.17
N GLU A 173 -17.17 -2.36 -13.25
CA GLU A 173 -16.18 -3.02 -12.36
C GLU A 173 -15.11 -3.74 -13.20
N ASN A 174 -15.39 -4.03 -14.47
CA ASN A 174 -14.55 -4.93 -15.32
C ASN A 174 -14.03 -4.21 -16.57
N ARG A 175 -14.33 -2.93 -16.78
CA ARG A 175 -13.79 -2.21 -17.94
C ARG A 175 -13.50 -0.75 -17.60
N VAL A 176 -12.32 -0.32 -18.01
CA VAL A 176 -11.92 1.12 -18.07
C VAL A 176 -11.69 1.55 -19.53
N LYS A 177 -11.76 2.84 -19.79
CA LYS A 177 -11.41 3.45 -21.11
C LYS A 177 -10.56 4.71 -20.92
N ILE A 178 -9.75 5.04 -21.90
CA ILE A 178 -9.08 6.37 -21.99
C ILE A 178 -10.20 7.36 -22.32
N GLY A 179 -10.30 8.47 -21.59
CA GLY A 179 -11.53 9.27 -21.58
C GLY A 179 -11.32 10.69 -22.03
N ASP A 180 -10.08 11.09 -22.31
CA ASP A 180 -9.76 12.47 -22.72
C ASP A 180 -8.59 12.46 -23.68
N PHE A 181 -8.66 13.32 -24.71
CA PHE A 181 -7.64 13.44 -25.77
C PHE A 181 -7.27 14.93 -25.98
N GLY A 182 -7.26 15.71 -24.89
CA GLY A 182 -7.10 17.18 -24.90
C GLY A 182 -5.69 17.63 -25.27
N LEU A 183 -4.71 16.74 -25.15
CA LEU A 183 -3.31 17.10 -25.51
C LEU A 183 -2.81 16.17 -26.62
N THR A 184 -3.66 15.27 -27.15
CA THR A 184 -3.20 14.21 -28.07
C THR A 184 -2.76 14.85 -29.37
N LYS A 185 -1.65 14.36 -29.95
CA LYS A 185 -1.00 14.85 -31.19
C LYS A 185 -0.85 13.68 -32.18
N VAL A 186 -0.86 14.01 -33.48
CA VAL A 186 -0.58 13.08 -34.60
C VAL A 186 0.91 13.20 -34.93
N LEU A 187 1.66 12.09 -34.96
CA LEU A 187 3.09 12.10 -35.34
C LEU A 187 3.18 12.61 -36.77
N PRO A 188 4.20 13.42 -37.15
CA PRO A 188 4.35 13.79 -38.56
C PRO A 188 4.55 12.47 -39.32
N GLN A 189 4.39 12.48 -40.65
CA GLN A 189 4.43 11.26 -41.50
C GLN A 189 5.79 10.56 -41.34
N ASP A 190 6.88 11.32 -41.42
CA ASP A 190 8.25 10.79 -41.61
C ASP A 190 9.08 10.96 -40.33
N LYS A 191 8.45 11.06 -39.16
CA LYS A 191 9.15 11.25 -37.86
C LYS A 191 8.49 10.44 -36.74
N GLU A 192 9.26 10.07 -35.70
CA GLU A 192 8.81 9.22 -34.57
C GLU A 192 8.51 10.05 -33.32
N LYS A 195 7.36 17.52 -31.53
CA LYS A 195 7.83 18.55 -30.62
C LYS A 195 6.76 19.63 -30.44
N VAL A 196 6.25 19.80 -29.22
CA VAL A 196 5.12 20.72 -28.90
C VAL A 196 5.66 22.05 -28.37
N LYS A 197 5.19 23.17 -28.93
CA LYS A 197 5.56 24.54 -28.47
C LYS A 197 4.34 25.20 -27.81
N GLU A 198 3.98 24.79 -26.60
CA GLU A 198 2.81 25.38 -25.86
C GLU A 198 3.28 25.99 -24.54
N PRO A 199 2.76 27.16 -24.14
CA PRO A 199 3.20 27.84 -22.92
C PRO A 199 2.38 27.46 -21.68
N GLY A 200 1.43 26.53 -21.83
CA GLY A 200 0.49 26.15 -20.77
C GLY A 200 1.11 25.21 -19.75
N GLU A 201 0.49 25.11 -18.57
CA GLU A 201 0.88 24.19 -17.47
C GLU A 201 0.93 22.76 -18.04
N SER A 202 1.82 21.94 -17.52
CA SER A 202 2.07 20.57 -18.00
C SER A 202 2.16 19.63 -16.80
N PRO A 203 1.65 18.39 -16.90
CA PRO A 203 1.80 17.40 -15.83
C PRO A 203 3.25 16.88 -15.81
N ILE A 204 4.16 17.67 -15.25
CA ILE A 204 5.62 17.40 -15.34
C ILE A 204 5.97 16.10 -14.60
N PHE A 205 5.29 15.75 -13.51
CA PHE A 205 5.62 14.55 -12.70
C PHE A 205 5.21 13.27 -13.43
N TRP A 206 4.66 13.40 -14.63
CA TRP A 206 4.24 12.26 -15.48
C TRP A 206 5.07 12.24 -16.77
N TYR A 207 5.93 13.26 -16.92
CA TYR A 207 6.65 13.60 -18.19
C TYR A 207 8.02 12.94 -18.24
N ALA A 208 8.35 12.40 -19.40
CA ALA A 208 9.65 11.74 -19.71
C ALA A 208 10.72 12.82 -19.72
N PRO A 209 11.98 12.52 -19.33
CA PRO A 209 13.07 13.49 -19.36
C PRO A 209 13.10 14.35 -20.64
N GLU A 210 12.94 13.71 -21.79
CA GLU A 210 13.13 14.33 -23.12
C GLU A 210 11.90 15.17 -23.46
N SER A 211 10.74 14.90 -22.83
CA SER A 211 9.55 15.77 -22.91
C SER A 211 9.77 17.05 -22.10
N LEU A 212 10.39 16.94 -20.92
CA LEU A 212 10.74 18.09 -20.07
C LEU A 212 11.81 18.94 -20.76
N THR A 213 12.90 18.37 -21.26
CA THR A 213 14.11 19.14 -21.70
C THR A 213 13.91 19.73 -23.10
N GLU A 214 13.25 18.97 -23.99
CA GLU A 214 13.21 19.23 -25.45
C GLU A 214 11.78 19.27 -25.98
N SER A 215 10.77 18.97 -25.15
CA SER A 215 9.34 18.94 -25.56
C SER A 215 9.11 17.85 -26.60
N LYS A 216 9.86 16.76 -26.56
CA LYS A 216 9.70 15.67 -27.55
C LYS A 216 8.70 14.66 -26.98
N PHE A 217 7.57 14.51 -27.63
CA PHE A 217 6.58 13.48 -27.24
C PHE A 217 6.62 12.38 -28.27
N SER A 218 6.54 11.13 -27.81
CA SER A 218 6.56 9.90 -28.64
C SER A 218 5.74 8.79 -27.98
N VAL A 219 5.75 7.60 -28.60
CA VAL A 219 5.17 6.39 -27.97
C VAL A 219 6.00 6.09 -26.73
N ALA A 220 7.29 6.28 -26.80
CA ALA A 220 8.19 6.01 -25.65
C ALA A 220 7.89 6.97 -24.49
N SER A 221 7.57 8.26 -24.74
CA SER A 221 7.14 9.21 -23.67
C SER A 221 5.75 8.81 -23.16
N ASP A 222 4.90 8.21 -24.01
CA ASP A 222 3.61 7.62 -23.56
C ASP A 222 3.92 6.48 -22.59
N VAL A 223 4.93 5.67 -22.88
CA VAL A 223 5.23 4.48 -22.07
C VAL A 223 5.74 4.95 -20.71
N TRP A 224 6.69 5.91 -20.72
CA TRP A 224 7.15 6.61 -19.49
C TRP A 224 5.91 6.99 -18.68
N SER A 225 4.93 7.64 -19.31
CA SER A 225 3.75 8.16 -18.57
C SER A 225 2.98 6.98 -17.99
N PHE A 226 2.93 5.88 -18.75
CA PHE A 226 2.19 4.67 -18.34
C PHE A 226 2.85 4.08 -17.11
N GLY A 227 4.17 4.17 -17.02
CA GLY A 227 4.89 3.70 -15.81
C GLY A 227 4.32 4.37 -14.58
N VAL A 228 4.03 5.66 -14.71
CA VAL A 228 3.52 6.48 -13.56
C VAL A 228 2.05 6.11 -13.35
N VAL A 229 1.30 5.82 -14.39
CA VAL A 229 -0.08 5.27 -14.21
C VAL A 229 0.01 3.99 -13.35
N LEU A 230 0.91 3.08 -13.69
CA LEU A 230 1.11 1.82 -12.91
C LEU A 230 1.39 2.18 -11.45
N TYR A 231 2.20 3.22 -11.25
CA TYR A 231 2.66 3.67 -9.91
C TYR A 231 1.43 4.21 -9.18
N GLU A 232 0.64 4.99 -9.90
CA GLU A 232 -0.64 5.54 -9.36
C GLU A 232 -1.51 4.41 -8.84
N LEU A 233 -1.66 3.33 -9.60
CA LEU A 233 -2.63 2.26 -9.27
C LEU A 233 -2.12 1.56 -8.02
N PHE A 234 -0.84 1.18 -7.99
CA PHE A 234 -0.33 0.34 -6.89
C PHE A 234 -0.10 1.18 -5.64
N THR A 235 -0.13 2.52 -5.72
CA THR A 235 -0.08 3.38 -4.51
C THR A 235 -1.52 3.66 -4.06
N TYR A 236 -2.51 3.19 -4.83
CA TYR A 236 -3.95 3.39 -4.55
C TYR A 236 -4.23 4.89 -4.44
N ILE A 237 -3.45 5.70 -5.17
CA ILE A 237 -3.60 7.18 -5.30
C ILE A 237 -3.69 7.81 -3.91
N GLU A 238 -2.91 7.34 -2.93
CA GLU A 238 -2.72 8.00 -1.61
C GLU A 238 -1.89 9.27 -1.86
N LYS A 239 -2.39 10.41 -1.37
CA LYS A 239 -1.78 11.75 -1.57
C LYS A 239 -0.35 11.74 -1.03
N SER A 240 -0.10 11.01 0.06
CA SER A 240 1.22 10.95 0.71
C SER A 240 2.26 10.30 -0.21
N LYS A 241 1.82 9.48 -1.16
CA LYS A 241 2.73 8.71 -2.05
C LYS A 241 2.55 9.16 -3.50
N SER A 242 1.82 10.23 -3.77
CA SER A 242 1.53 10.69 -5.16
C SER A 242 2.83 11.05 -5.86
N PRO A 243 2.92 10.94 -7.21
CA PRO A 243 4.09 11.46 -7.95
C PRO A 243 4.54 12.85 -7.52
N PRO A 244 3.66 13.89 -7.44
CA PRO A 244 4.14 15.21 -7.01
C PRO A 244 4.77 15.14 -5.61
N ALA A 245 4.11 14.45 -4.68
CA ALA A 245 4.57 14.34 -3.28
C ALA A 245 5.95 13.69 -3.26
N GLU A 246 6.15 12.55 -3.96
CA GLU A 246 7.42 11.78 -3.88
C GLU A 246 8.56 12.59 -4.53
N PHE A 247 8.33 13.15 -5.71
CA PHE A 247 9.37 13.89 -6.49
C PHE A 247 9.80 15.13 -5.71
N MET A 248 8.86 15.79 -5.04
CA MET A 248 9.11 17.03 -4.27
C MET A 248 9.91 16.68 -3.01
N ARG A 249 9.66 15.49 -2.45
CA ARG A 249 10.43 14.96 -1.29
C ARG A 249 11.88 14.67 -1.74
N MET A 250 12.09 14.08 -2.90
CA MET A 250 13.48 13.79 -3.36
C MET A 250 14.22 15.10 -3.73
N ILE A 251 13.49 16.09 -4.26
CA ILE A 251 14.07 17.41 -4.68
C ILE A 251 14.50 18.21 -3.45
N GLY A 252 13.65 18.31 -2.41
CA GLY A 252 14.01 18.81 -1.08
C GLY A 252 13.62 20.27 -0.89
N GLY A 257 18.50 27.90 -6.17
CA GLY A 257 17.53 28.88 -6.71
C GLY A 257 17.18 28.58 -8.16
N GLN A 258 16.52 27.45 -8.40
CA GLN A 258 16.15 26.96 -9.75
C GLN A 258 14.69 26.50 -9.72
N SER A 259 14.03 26.53 -10.89
CA SER A 259 12.66 26.01 -11.09
C SER A 259 12.57 24.56 -10.60
N ILE A 260 11.36 24.14 -10.28
CA ILE A 260 11.03 22.73 -9.94
C ILE A 260 11.35 21.87 -11.15
N VAL A 261 11.13 22.39 -12.35
CA VAL A 261 11.33 21.67 -13.63
C VAL A 261 12.82 21.34 -13.74
N THR A 262 13.68 22.33 -13.50
CA THR A 262 15.15 22.14 -13.52
C THR A 262 15.52 21.06 -12.49
N HIS A 263 14.99 21.13 -11.27
CA HIS A 263 15.27 20.13 -10.20
C HIS A 263 14.84 18.75 -10.68
N LEU A 264 13.62 18.65 -11.25
CA LEU A 264 13.09 17.34 -11.73
C LEU A 264 14.03 16.72 -12.78
N ILE A 265 14.35 17.48 -13.83
CA ILE A 265 15.31 17.09 -14.90
C ILE A 265 16.59 16.55 -14.28
N GLU A 266 17.16 17.24 -13.29
CA GLU A 266 18.46 16.87 -12.68
C GLU A 266 18.25 15.59 -11.86
N LEU A 267 17.17 15.53 -11.10
CA LEU A 267 16.84 14.29 -10.34
C LEU A 267 16.68 13.09 -11.29
N LEU A 268 15.98 13.23 -12.41
CA LEU A 268 15.74 12.10 -13.37
C LEU A 268 17.04 11.74 -14.09
N LYS A 269 17.87 12.72 -14.44
CA LYS A 269 19.21 12.53 -15.07
C LYS A 269 20.09 11.72 -14.13
N ASN A 270 19.97 11.92 -12.81
CA ASN A 270 20.80 11.27 -11.76
C ASN A 270 20.23 9.89 -11.40
N ASN A 271 19.20 9.45 -12.12
CA ASN A 271 18.46 8.17 -11.92
C ASN A 271 17.69 8.24 -10.61
N GLY A 272 17.32 9.43 -10.16
CA GLY A 272 16.23 9.55 -9.17
C GLY A 272 14.96 8.92 -9.74
N ARG A 273 14.26 8.08 -8.98
CA ARG A 273 12.96 7.51 -9.49
C ARG A 273 11.96 7.33 -8.33
N LEU A 274 10.67 7.30 -8.70
CA LEU A 274 9.56 6.97 -7.76
C LEU A 274 9.87 5.63 -7.10
N PRO A 275 9.55 5.46 -5.80
CA PRO A 275 9.91 4.24 -5.09
C PRO A 275 8.97 3.09 -5.46
N ARG A 276 9.32 1.87 -5.07
CA ARG A 276 8.42 0.71 -5.25
C ARG A 276 7.22 0.89 -4.33
N PRO A 277 5.97 0.96 -4.83
CA PRO A 277 4.80 1.03 -3.97
C PRO A 277 4.73 -0.18 -3.03
N ASP A 278 4.29 0.07 -1.81
CA ASP A 278 4.24 -0.97 -0.76
C ASP A 278 3.46 -2.15 -1.34
N GLY A 279 4.10 -3.32 -1.43
CA GLY A 279 3.41 -4.56 -1.83
C GLY A 279 3.29 -4.72 -3.32
N CYS A 280 3.70 -3.73 -4.11
CA CYS A 280 3.84 -3.91 -5.58
C CYS A 280 4.61 -5.20 -5.86
N PRO A 281 4.10 -6.17 -6.65
CA PRO A 281 4.89 -7.37 -7.00
C PRO A 281 6.19 -7.03 -7.73
N ASP A 282 7.20 -7.87 -7.59
CA ASP A 282 8.52 -7.69 -8.21
C ASP A 282 8.39 -7.31 -9.70
N GLU A 283 7.61 -8.08 -10.46
CA GLU A 283 7.56 -7.96 -11.94
C GLU A 283 6.83 -6.68 -12.35
N ILE A 284 5.97 -6.12 -11.48
CA ILE A 284 5.24 -4.87 -11.80
C ILE A 284 6.16 -3.69 -11.50
N TYR A 285 6.97 -3.76 -10.45
CA TYR A 285 8.01 -2.73 -10.20
C TYR A 285 9.02 -2.77 -11.34
N MET A 286 9.44 -3.97 -11.78
CA MET A 286 10.44 -4.09 -12.86
C MET A 286 9.89 -3.43 -14.12
N ILE A 287 8.60 -3.64 -14.42
CA ILE A 287 7.93 -2.98 -15.57
C ILE A 287 7.97 -1.46 -15.37
N MET A 288 7.49 -0.92 -14.24
CA MET A 288 7.62 0.53 -13.89
C MET A 288 9.04 1.01 -14.28
N THR A 289 10.07 0.39 -13.71
CA THR A 289 11.49 0.80 -13.82
C THR A 289 11.97 0.83 -15.28
N GLU A 290 11.52 -0.10 -16.14
CA GLU A 290 11.87 -0.16 -17.58
C GLU A 290 11.12 0.92 -18.37
N CYS A 291 9.89 1.23 -18.02
CA CYS A 291 9.13 2.35 -18.62
C CYS A 291 9.85 3.67 -18.33
N TRP A 292 10.61 3.75 -17.23
CA TRP A 292 11.34 4.96 -16.78
C TRP A 292 12.84 4.85 -17.13
N ASN A 293 13.17 4.14 -18.21
CA ASN A 293 14.54 4.18 -18.79
C ASN A 293 14.79 5.59 -19.32
N ASN A 294 15.98 6.15 -19.08
CA ASN A 294 16.34 7.48 -19.63
C ASN A 294 16.30 7.35 -21.15
N ASN A 295 16.79 6.22 -21.71
CA ASN A 295 16.88 6.00 -23.18
C ASN A 295 15.49 5.67 -23.73
N VAL A 296 14.97 6.49 -24.65
CA VAL A 296 13.67 6.30 -25.36
C VAL A 296 13.62 4.90 -25.96
N ASN A 297 14.73 4.41 -26.51
CA ASN A 297 14.73 3.21 -27.39
C ASN A 297 14.67 1.94 -26.52
N GLN A 298 14.96 2.07 -25.23
CA GLN A 298 15.03 0.89 -24.31
C GLN A 298 13.74 0.76 -23.50
N ARG A 299 12.70 1.54 -23.80
CA ARG A 299 11.40 1.44 -23.08
C ARG A 299 10.58 0.35 -23.76
N PRO A 300 9.79 -0.44 -23.00
CA PRO A 300 8.96 -1.48 -23.60
C PRO A 300 7.89 -0.93 -24.55
N SER A 301 7.41 -1.79 -25.46
CA SER A 301 6.24 -1.53 -26.33
C SER A 301 4.97 -1.70 -25.52
N PHE A 302 3.85 -1.08 -25.94
CA PHE A 302 2.52 -1.33 -25.32
C PHE A 302 2.09 -2.80 -25.58
N ARG A 303 2.45 -3.38 -26.72
CA ARG A 303 2.07 -4.80 -27.01
C ARG A 303 2.77 -5.70 -25.98
N ASP A 304 4.09 -5.53 -25.77
CA ASP A 304 4.91 -6.26 -24.77
C ASP A 304 4.37 -6.04 -23.34
N LEU A 305 4.03 -4.78 -22.98
CA LEU A 305 3.54 -4.42 -21.63
C LEU A 305 2.22 -5.17 -21.33
N ALA A 306 1.27 -5.15 -22.26
CA ALA A 306 -0.04 -5.89 -22.19
C ALA A 306 0.20 -7.37 -21.87
N LEU A 307 1.11 -8.02 -22.61
CA LEU A 307 1.43 -9.47 -22.45
CA LEU A 307 1.45 -9.46 -22.46
C LEU A 307 2.00 -9.72 -21.05
N ARG A 308 2.98 -8.92 -20.64
CA ARG A 308 3.68 -9.12 -19.33
C ARG A 308 2.68 -8.92 -18.19
N VAL A 309 1.83 -7.89 -18.27
CA VAL A 309 0.79 -7.61 -17.24
C VAL A 309 -0.25 -8.76 -17.21
N ASP A 310 -0.76 -9.21 -18.35
CA ASP A 310 -1.68 -10.38 -18.45
C ASP A 310 -1.05 -11.59 -17.73
N GLN A 311 0.26 -11.78 -17.93
CA GLN A 311 0.99 -12.96 -17.43
C GLN A 311 1.14 -12.83 -15.91
N ILE A 312 1.57 -11.68 -15.41
CA ILE A 312 1.66 -11.43 -13.93
C ILE A 312 0.30 -11.70 -13.30
N ARG A 313 -0.78 -11.26 -13.97
CA ARG A 313 -2.17 -11.42 -13.49
C ARG A 313 -2.54 -12.91 -13.48
N ASP A 314 -2.21 -13.64 -14.55
CA ASP A 314 -2.50 -15.10 -14.65
C ASP A 314 -1.78 -15.84 -13.52
N ASN A 315 -0.53 -15.48 -13.21
CA ASN A 315 0.32 -16.15 -12.19
C ASN A 315 -0.21 -15.89 -10.76
N MET A 316 -1.10 -14.93 -10.57
CA MET A 316 -1.72 -14.60 -9.26
C MET A 316 -3.08 -15.31 -9.16
N GLN B 29 25.93 -20.34 32.66
CA GLN B 29 26.02 -19.21 33.63
C GLN B 29 26.81 -18.06 32.98
N PHE B 30 26.34 -16.82 33.05
CA PHE B 30 27.03 -15.61 32.51
C PHE B 30 27.48 -14.73 33.67
N GLU B 31 28.77 -14.39 33.71
CA GLU B 31 29.42 -13.49 34.70
C GLU B 31 29.40 -12.04 34.18
N GLU B 32 28.88 -11.12 34.99
CA GLU B 32 28.68 -9.70 34.64
C GLU B 32 30.00 -9.12 34.13
N ARG B 33 31.10 -9.48 34.81
CA ARG B 33 32.46 -8.92 34.55
C ARG B 33 32.86 -9.17 33.08
N HIS B 34 32.30 -10.19 32.42
CA HIS B 34 32.63 -10.53 31.00
C HIS B 34 31.52 -10.02 30.06
N LEU B 35 30.42 -9.49 30.59
CA LEU B 35 29.30 -8.97 29.78
C LEU B 35 29.58 -7.52 29.43
N LYS B 36 29.99 -7.26 28.19
CA LYS B 36 30.50 -5.93 27.77
C LYS B 36 29.44 -5.25 26.92
N PHE B 37 28.96 -4.11 27.41
CA PHE B 37 27.84 -3.32 26.85
C PHE B 37 28.28 -2.78 25.50
N LEU B 38 27.50 -3.00 24.43
CA LEU B 38 27.83 -2.44 23.09
C LEU B 38 26.82 -1.33 22.76
N GLN B 39 25.51 -1.54 22.95
CA GLN B 39 24.48 -0.63 22.41
C GLN B 39 23.14 -0.94 23.05
N GLN B 40 22.34 0.10 23.32
CA GLN B 40 20.95 0.03 23.81
C GLN B 40 20.06 -0.39 22.63
N LEU B 41 19.21 -1.39 22.80
CA LEU B 41 18.39 -1.92 21.67
C LEU B 41 16.99 -1.34 21.78
N GLY B 42 16.47 -1.30 23.01
CA GLY B 42 15.13 -0.76 23.32
C GLY B 42 14.91 -0.70 24.82
N LYS B 43 14.02 0.19 25.24
CA LYS B 43 13.67 0.45 26.66
C LYS B 43 12.14 0.38 26.75
N GLY B 44 11.61 -0.18 27.84
CA GLY B 44 10.22 0.04 28.29
C GLY B 44 10.20 0.68 29.66
N ASN B 45 9.00 0.84 30.23
CA ASN B 45 8.72 1.44 31.56
C ASN B 45 9.53 0.75 32.66
N PHE B 46 9.66 -0.58 32.61
CA PHE B 46 10.19 -1.41 33.73
C PHE B 46 11.39 -2.29 33.33
N GLY B 47 11.91 -2.14 32.13
CA GLY B 47 13.02 -2.98 31.63
C GLY B 47 13.67 -2.42 30.39
N SER B 48 14.77 -3.05 29.99
CA SER B 48 15.64 -2.59 28.90
C SER B 48 16.32 -3.81 28.31
N VAL B 49 16.57 -3.76 27.00
CA VAL B 49 17.34 -4.81 26.27
C VAL B 49 18.59 -4.15 25.67
N GLU B 50 19.76 -4.76 25.86
CA GLU B 50 21.06 -4.23 25.43
C GLU B 50 21.81 -5.27 24.58
N MET B 51 22.51 -4.82 23.56
CA MET B 51 23.47 -5.62 22.76
C MET B 51 24.76 -5.69 23.54
N CYS B 52 25.24 -6.90 23.87
CA CYS B 52 26.48 -7.09 24.66
C CYS B 52 27.34 -8.17 24.01
N ARG B 53 28.66 -8.05 24.14
CA ARG B 53 29.64 -9.11 23.86
C ARG B 53 29.88 -9.87 25.15
N TYR B 54 29.84 -11.19 25.12
CA TYR B 54 30.31 -12.03 26.25
C TYR B 54 31.74 -12.40 25.95
N ASP B 55 32.69 -11.86 26.72
CA ASP B 55 34.14 -11.88 26.39
C ASP B 55 34.95 -12.29 27.61
N PRO B 56 34.94 -13.60 27.99
CA PRO B 56 35.80 -14.11 29.05
C PRO B 56 37.31 -14.08 28.72
N LEU B 57 37.68 -13.84 27.45
CA LEU B 57 39.10 -13.69 27.03
C LEU B 57 39.43 -12.21 26.87
N GLN B 58 38.44 -11.33 27.06
CA GLN B 58 38.61 -9.85 27.07
C GLN B 58 39.52 -9.42 25.91
N ASP B 59 39.34 -10.02 24.72
CA ASP B 59 40.13 -9.77 23.50
C ASP B 59 39.23 -9.28 22.36
N ASN B 60 37.95 -8.99 22.65
CA ASN B 60 36.94 -8.45 21.69
C ASN B 60 36.46 -9.55 20.73
N THR B 61 36.69 -10.84 21.04
CA THR B 61 36.33 -12.03 20.21
C THR B 61 35.06 -12.71 20.71
N GLY B 62 34.62 -12.43 21.94
CA GLY B 62 33.42 -13.05 22.54
C GLY B 62 32.18 -12.80 21.69
N GLU B 63 31.23 -13.75 21.77
CA GLU B 63 29.93 -13.79 21.04
C GLU B 63 29.06 -12.62 21.51
N VAL B 64 28.51 -11.87 20.56
CA VAL B 64 27.46 -10.83 20.77
C VAL B 64 26.18 -11.52 21.21
N VAL B 65 25.56 -11.05 22.31
CA VAL B 65 24.26 -11.56 22.85
C VAL B 65 23.34 -10.38 23.14
N ALA B 66 22.07 -10.65 23.41
CA ALA B 66 21.08 -9.65 23.83
C ALA B 66 20.84 -9.89 25.32
N VAL B 67 20.83 -8.80 26.12
CA VAL B 67 20.77 -8.87 27.61
C VAL B 67 19.60 -8.02 28.09
N LYS B 68 18.60 -8.64 28.74
CA LYS B 68 17.39 -7.97 29.27
C LYS B 68 17.61 -7.80 30.78
N LYS B 69 17.21 -6.64 31.29
CA LYS B 69 17.36 -6.22 32.70
C LYS B 69 16.18 -5.32 33.07
N LEU B 70 15.95 -5.16 34.37
CA LEU B 70 14.83 -4.35 34.91
C LEU B 70 15.33 -2.93 35.15
N GLN B 71 14.49 -1.95 34.80
CA GLN B 71 14.76 -0.50 34.98
C GLN B 71 14.65 -0.21 36.48
N HIS B 72 13.59 -0.76 37.07
CA HIS B 72 13.31 -0.73 38.53
C HIS B 72 13.18 -2.20 38.98
N SER B 73 14.00 -2.61 39.95
CA SER B 73 14.08 -4.00 40.46
C SER B 73 13.35 -4.10 41.79
N THR B 74 12.06 -3.78 41.84
CA THR B 74 11.19 -4.13 43.00
C THR B 74 11.24 -5.67 43.18
N GLU B 75 10.73 -6.16 44.31
CA GLU B 75 10.63 -7.61 44.64
C GLU B 75 9.59 -8.29 43.73
N GLU B 76 8.48 -7.58 43.44
CA GLU B 76 7.36 -8.11 42.59
C GLU B 76 7.86 -8.25 41.14
N HIS B 77 8.48 -7.20 40.58
CA HIS B 77 9.01 -7.17 39.20
C HIS B 77 10.06 -8.27 39.04
N LEU B 78 10.81 -8.54 40.10
CA LEU B 78 11.89 -9.56 40.12
C LEU B 78 11.25 -10.97 40.14
N ARG B 79 10.14 -11.13 40.86
CA ARG B 79 9.39 -12.41 40.87
C ARG B 79 8.83 -12.64 39.46
N ASP B 80 8.28 -11.59 38.84
CA ASP B 80 7.70 -11.63 37.47
C ASP B 80 8.79 -12.00 36.46
N PHE B 81 9.94 -11.36 36.54
CA PHE B 81 11.10 -11.58 35.63
C PHE B 81 11.57 -13.03 35.74
N GLU B 82 11.64 -13.55 36.95
CA GLU B 82 12.03 -14.97 37.19
C GLU B 82 11.05 -15.87 36.43
N ARG B 83 9.76 -15.53 36.47
CA ARG B 83 8.69 -16.25 35.74
C ARG B 83 8.97 -16.09 34.25
N GLU B 84 9.25 -14.86 33.80
CA GLU B 84 9.52 -14.58 32.36
C GLU B 84 10.69 -15.46 31.90
N ILE B 85 11.74 -15.57 32.71
CA ILE B 85 12.96 -16.36 32.42
C ILE B 85 12.61 -17.85 32.30
N GLU B 86 11.81 -18.39 33.24
CA GLU B 86 11.37 -19.81 33.22
C GLU B 86 10.60 -20.08 31.94
N ILE B 87 9.68 -19.18 31.58
CA ILE B 87 8.86 -19.24 30.33
C ILE B 87 9.76 -19.43 29.11
N LEU B 88 10.73 -18.54 28.87
CA LEU B 88 11.57 -18.58 27.64
C LEU B 88 12.49 -19.79 27.68
N LYS B 89 13.00 -20.16 28.86
CA LYS B 89 13.85 -21.37 29.03
C LYS B 89 13.06 -22.61 28.57
N SER B 90 11.75 -22.63 28.79
CA SER B 90 10.88 -23.79 28.45
C SER B 90 10.65 -23.87 26.94
N LEU B 91 10.90 -22.79 26.18
CA LEU B 91 10.60 -22.68 24.73
C LEU B 91 11.85 -22.99 23.89
N GLN B 92 11.76 -24.01 23.05
CA GLN B 92 12.80 -24.51 22.12
C GLN B 92 12.15 -24.65 20.73
N HIS B 93 12.33 -23.68 19.82
CA HIS B 93 11.56 -23.65 18.56
C HIS B 93 12.18 -22.63 17.61
N ASP B 94 12.10 -22.94 16.32
CA ASP B 94 12.72 -22.18 15.22
C ASP B 94 12.25 -20.72 15.29
N ASN B 95 11.02 -20.47 15.76
CA ASN B 95 10.33 -19.17 15.64
C ASN B 95 10.13 -18.55 17.02
N ILE B 96 10.98 -18.90 17.97
CA ILE B 96 11.07 -18.24 19.30
C ILE B 96 12.55 -17.89 19.54
N VAL B 97 12.85 -16.63 19.90
CA VAL B 97 14.24 -16.18 20.24
C VAL B 97 14.84 -17.22 21.21
N LYS B 98 16.10 -17.61 21.00
CA LYS B 98 16.80 -18.64 21.81
C LYS B 98 17.21 -18.06 23.17
N TYR B 99 16.67 -18.62 24.26
CA TYR B 99 17.25 -18.58 25.61
C TYR B 99 18.72 -19.02 25.59
N LYS B 100 19.64 -18.21 26.13
CA LYS B 100 21.06 -18.64 26.31
C LYS B 100 21.39 -18.84 27.79
N GLY B 101 20.90 -17.99 28.69
CA GLY B 101 21.13 -18.17 30.14
C GLY B 101 20.70 -16.97 30.97
N VAL B 102 21.24 -16.88 32.20
CA VAL B 102 20.94 -15.83 33.24
C VAL B 102 22.25 -15.25 33.83
N CYS B 103 22.19 -14.05 34.44
CA CYS B 103 23.29 -13.38 35.19
C CYS B 103 22.88 -13.04 36.64
N TYR B 104 23.46 -13.78 37.60
CA TYR B 104 23.43 -13.50 39.07
C TYR B 104 24.73 -12.79 39.51
N SER B 105 24.56 -11.81 40.42
CA SER B 105 25.54 -10.71 40.69
C SER B 105 24.99 -9.82 41.80
N ARG B 108 21.20 -11.19 42.33
CA ARG B 108 19.73 -11.41 42.23
C ARG B 108 19.04 -10.06 42.01
N ARG B 109 19.46 -9.02 42.75
CA ARG B 109 19.11 -7.60 42.51
C ARG B 109 19.42 -7.20 41.06
N ASN B 110 20.54 -7.69 40.51
CA ASN B 110 21.07 -7.33 39.16
C ASN B 110 20.84 -8.50 38.17
N LEU B 111 19.72 -9.22 38.32
CA LEU B 111 19.33 -10.37 37.44
C LEU B 111 19.18 -9.91 35.99
N LYS B 112 19.87 -10.60 35.08
CA LYS B 112 19.79 -10.37 33.62
C LYS B 112 19.41 -11.67 32.90
N LEU B 113 18.63 -11.53 31.85
CA LEU B 113 18.26 -12.65 30.94
C LEU B 113 19.09 -12.48 29.67
N ILE B 114 19.82 -13.52 29.29
CA ILE B 114 20.69 -13.52 28.10
C ILE B 114 20.04 -14.37 27.02
N MET B 115 19.95 -13.78 25.83
CA MET B 115 19.27 -14.35 24.65
C MET B 115 20.26 -14.25 23.49
N GLU B 116 19.95 -14.92 22.38
CA GLU B 116 20.70 -14.69 21.14
C GLU B 116 20.46 -13.25 20.72
N TYR B 117 21.44 -12.66 20.05
CA TYR B 117 21.34 -11.34 19.39
C TYR B 117 20.96 -11.57 17.94
N LEU B 118 19.79 -11.08 17.53
CA LEU B 118 19.33 -11.12 16.11
C LEU B 118 19.61 -9.77 15.47
N PRO B 119 20.56 -9.74 14.53
CA PRO B 119 21.15 -8.49 14.07
C PRO B 119 20.22 -7.58 13.26
N TYR B 120 19.08 -8.05 12.74
CA TYR B 120 18.20 -7.26 11.85
C TYR B 120 17.13 -6.56 12.67
N GLY B 121 17.01 -6.95 13.93
CA GLY B 121 16.12 -6.27 14.89
C GLY B 121 14.67 -6.64 14.71
N SER B 122 13.78 -5.75 15.14
CA SER B 122 12.33 -6.04 15.16
C SER B 122 11.80 -6.08 13.71
N LEU B 123 10.79 -6.93 13.45
CA LEU B 123 10.08 -6.98 12.16
C LEU B 123 9.54 -5.58 11.86
N ARG B 124 9.17 -4.83 12.91
CA ARG B 124 8.66 -3.45 12.77
C ARG B 124 9.72 -2.57 12.10
N ASP B 125 10.97 -2.56 12.58
CA ASP B 125 12.05 -1.67 12.06
C ASP B 125 12.55 -2.22 10.72
N TYR B 126 12.70 -3.53 10.62
CA TYR B 126 13.13 -4.23 9.40
C TYR B 126 12.20 -3.88 8.24
N LEU B 127 10.87 -3.99 8.43
CA LEU B 127 9.86 -3.70 7.39
C LEU B 127 9.85 -2.20 7.02
N GLN B 128 9.83 -1.31 8.00
CA GLN B 128 10.03 0.16 7.82
C GLN B 128 11.26 0.45 6.95
N LYS B 129 12.38 -0.18 7.25
CA LYS B 129 13.67 0.04 6.52
C LYS B 129 13.62 -0.53 5.10
N HIS B 130 13.09 -1.75 4.94
CA HIS B 130 13.41 -2.68 3.82
C HIS B 130 12.15 -2.99 3.02
N LYS B 131 11.04 -2.29 3.28
CA LYS B 131 9.73 -2.49 2.61
C LYS B 131 9.86 -2.57 1.08
N GLU B 132 10.75 -1.76 0.50
CA GLU B 132 10.87 -1.58 -0.97
C GLU B 132 11.44 -2.86 -1.59
N ARG B 133 11.85 -3.83 -0.76
CA ARG B 133 12.42 -5.13 -1.18
C ARG B 133 11.63 -6.28 -0.59
N ILE B 134 10.43 -6.04 -0.04
CA ILE B 134 9.63 -7.13 0.62
C ILE B 134 8.27 -7.23 -0.06
N ASP B 135 7.97 -8.37 -0.68
CA ASP B 135 6.70 -8.54 -1.41
C ASP B 135 5.71 -9.26 -0.48
N HIS B 136 4.55 -9.55 -1.02
CA HIS B 136 3.42 -10.15 -0.27
C HIS B 136 3.82 -11.57 0.13
N ILE B 137 4.53 -12.25 -0.77
CA ILE B 137 5.05 -13.64 -0.60
C ILE B 137 5.91 -13.66 0.66
N LYS B 138 6.89 -12.74 0.76
CA LYS B 138 7.76 -12.60 1.97
C LYS B 138 6.90 -12.32 3.22
N LEU B 139 5.96 -11.39 3.18
CA LEU B 139 5.07 -11.11 4.35
C LEU B 139 4.39 -12.40 4.79
N LEU B 140 3.96 -13.22 3.84
CA LEU B 140 3.18 -14.43 4.17
C LEU B 140 4.09 -15.49 4.79
N GLN B 141 5.35 -15.55 4.37
CA GLN B 141 6.37 -16.43 4.97
C GLN B 141 6.50 -16.06 6.46
N TYR B 142 6.75 -14.78 6.77
CA TYR B 142 6.82 -14.23 8.15
C TYR B 142 5.53 -14.56 8.93
N THR B 143 4.37 -14.20 8.39
CA THR B 143 3.05 -14.50 9.01
C THR B 143 3.00 -15.99 9.43
N SER B 144 3.33 -16.90 8.51
CA SER B 144 3.28 -18.37 8.76
C SER B 144 4.18 -18.71 9.94
N GLN B 145 5.40 -18.16 10.00
CA GLN B 145 6.37 -18.44 11.09
C GLN B 145 5.87 -17.89 12.43
N ILE B 146 5.27 -16.72 12.43
CA ILE B 146 4.60 -16.18 13.65
C ILE B 146 3.53 -17.19 14.11
N CYS B 147 2.65 -17.65 13.22
CA CYS B 147 1.58 -18.63 13.57
C CYS B 147 2.21 -19.86 14.23
N LYS B 148 3.28 -20.42 13.66
CA LYS B 148 3.90 -21.64 14.21
C LYS B 148 4.49 -21.35 15.60
N GLY B 149 5.23 -20.23 15.77
CA GLY B 149 5.70 -19.80 17.10
C GLY B 149 4.52 -19.70 18.08
N MET B 150 3.46 -19.03 17.65
CA MET B 150 2.21 -18.90 18.46
C MET B 150 1.53 -20.25 18.70
N GLU B 151 1.52 -21.14 17.71
CA GLU B 151 0.90 -22.47 17.89
C GLU B 151 1.63 -23.17 19.04
N TYR B 152 2.96 -23.07 19.07
CA TYR B 152 3.81 -23.80 20.05
C TYR B 152 3.56 -23.24 21.45
N LEU B 153 3.49 -21.92 21.58
CA LEU B 153 3.10 -21.25 22.85
C LEU B 153 1.79 -21.85 23.32
N GLY B 154 0.87 -22.05 22.39
CA GLY B 154 -0.40 -22.76 22.61
C GLY B 154 -0.20 -24.06 23.38
N THR B 155 0.74 -24.90 22.95
CA THR B 155 0.91 -26.28 23.49
C THR B 155 1.36 -26.23 24.94
N LYS B 156 1.94 -25.11 25.39
CA LYS B 156 2.43 -24.93 26.79
C LYS B 156 1.34 -24.25 27.64
N ARG B 157 0.26 -23.78 27.00
CA ARG B 157 -0.85 -23.00 27.63
C ARG B 157 -0.29 -21.62 28.03
N TYR B 158 0.63 -21.06 27.24
CA TYR B 158 1.16 -19.69 27.45
C TYR B 158 0.35 -18.71 26.61
N ILE B 159 -0.13 -17.62 27.23
CA ILE B 159 -0.78 -16.47 26.56
C ILE B 159 0.25 -15.34 26.45
N HIS B 160 0.61 -14.94 25.22
CA HIS B 160 1.67 -13.94 24.94
C HIS B 160 1.22 -12.57 25.47
N ARG B 161 0.02 -12.12 25.10
CA ARG B 161 -0.59 -10.82 25.53
C ARG B 161 0.07 -9.58 24.91
N ASP B 162 1.08 -9.70 24.04
CA ASP B 162 1.85 -8.54 23.49
C ASP B 162 2.23 -8.83 22.03
N LEU B 163 1.38 -9.56 21.31
CA LEU B 163 1.67 -9.91 19.90
C LEU B 163 1.61 -8.60 19.06
N ALA B 164 2.74 -8.19 18.52
CA ALA B 164 2.96 -7.00 17.67
C ALA B 164 4.29 -7.14 16.93
N THR B 165 4.45 -6.50 15.77
CA THR B 165 5.65 -6.63 14.93
C THR B 165 6.86 -6.09 15.71
N ARG B 166 6.67 -5.24 16.71
CA ARG B 166 7.77 -4.70 17.55
C ARG B 166 8.32 -5.83 18.44
N ASN B 167 7.55 -6.92 18.64
CA ASN B 167 7.98 -8.04 19.52
C ASN B 167 8.28 -9.28 18.71
N ILE B 168 8.53 -9.08 17.42
CA ILE B 168 9.01 -10.11 16.45
C ILE B 168 10.36 -9.64 15.92
N LEU B 169 11.37 -10.50 15.94
CA LEU B 169 12.76 -10.21 15.51
C LEU B 169 13.00 -10.90 14.17
N VAL B 170 13.88 -10.31 13.37
CA VAL B 170 14.29 -10.88 12.05
C VAL B 170 15.66 -11.52 12.23
N GLU B 171 15.74 -12.84 12.07
CA GLU B 171 17.01 -13.58 12.19
C GLU B 171 17.78 -13.32 10.90
N ASN B 172 17.10 -13.54 9.78
CA ASN B 172 17.60 -13.27 8.41
C ASN B 172 16.39 -13.05 7.51
N GLU B 173 16.66 -12.89 6.22
CA GLU B 173 15.67 -12.60 5.16
C GLU B 173 14.56 -13.68 5.16
N ASN B 174 14.81 -14.87 5.71
CA ASN B 174 13.94 -16.06 5.55
C ASN B 174 13.44 -16.60 6.89
N ARG B 175 13.76 -15.94 8.01
CA ARG B 175 13.21 -16.37 9.30
C ARG B 175 12.98 -15.17 10.24
N VAL B 176 11.80 -15.14 10.87
CA VAL B 176 11.51 -14.29 12.05
C VAL B 176 11.29 -15.16 13.30
N LYS B 177 11.42 -14.54 14.48
CA LYS B 177 11.09 -15.19 15.78
C LYS B 177 10.30 -14.23 16.66
N ILE B 178 9.48 -14.78 17.56
CA ILE B 178 8.87 -14.00 18.67
C ILE B 178 10.03 -13.72 19.62
N GLY B 179 10.23 -12.45 20.00
CA GLY B 179 11.49 -12.01 20.60
C GLY B 179 11.34 -11.52 22.03
N ASP B 180 10.13 -11.47 22.58
CA ASP B 180 9.87 -10.90 23.92
C ASP B 180 8.69 -11.62 24.55
N PHE B 181 8.78 -11.91 25.86
CA PHE B 181 7.75 -12.63 26.65
C PHE B 181 7.45 -11.87 27.95
N GLY B 182 7.54 -10.54 27.89
CA GLY B 182 7.45 -9.58 29.02
C GLY B 182 6.07 -9.54 29.63
N LEU B 183 5.03 -9.94 28.89
CA LEU B 183 3.66 -9.92 29.47
C LEU B 183 3.07 -11.33 29.49
N THR B 184 3.85 -12.35 29.09
CA THR B 184 3.30 -13.70 28.84
C THR B 184 2.86 -14.30 30.17
N LYS B 185 1.69 -14.98 30.15
CA LYS B 185 1.07 -15.65 31.33
C LYS B 185 0.91 -17.14 31.01
N VAL B 186 0.97 -17.98 32.06
CA VAL B 186 0.60 -19.41 32.04
C VAL B 186 -0.88 -19.51 32.44
N LEU B 187 -1.74 -20.12 31.61
CA LEU B 187 -3.18 -20.31 31.94
C LEU B 187 -3.27 -21.10 33.24
N PRO B 188 -4.21 -20.77 34.16
CA PRO B 188 -4.39 -21.60 35.35
C PRO B 188 -4.74 -23.01 34.84
N GLN B 189 -4.64 -24.03 35.69
CA GLN B 189 -5.01 -25.45 35.41
C GLN B 189 -6.45 -25.51 34.86
N ASP B 190 -7.38 -24.84 35.56
CA ASP B 190 -8.83 -25.13 35.44
C ASP B 190 -9.55 -24.02 34.68
N LYS B 191 -8.83 -23.21 33.89
CA LYS B 191 -9.42 -22.09 33.11
C LYS B 191 -8.70 -21.98 31.76
N GLU B 192 -9.40 -21.44 30.75
CA GLU B 192 -8.87 -21.20 29.39
C GLU B 192 -8.53 -19.73 29.18
N LYS B 195 -7.07 -13.64 33.90
CA LYS B 195 -7.49 -12.25 34.14
C LYS B 195 -6.35 -11.50 34.82
N VAL B 196 -5.79 -10.48 34.15
CA VAL B 196 -4.63 -9.70 34.66
C VAL B 196 -5.13 -8.37 35.20
N LYS B 197 -5.27 -8.24 36.52
CA LYS B 197 -5.65 -6.96 37.19
C LYS B 197 -4.47 -6.48 38.05
N GLU B 201 0.62 1.28 31.35
CA GLU B 201 -0.09 1.47 30.06
C GLU B 201 -0.16 0.13 29.33
N SER B 202 -1.17 -0.04 28.47
CA SER B 202 -1.40 -1.29 27.71
C SER B 202 -1.51 -0.95 26.23
N PRO B 203 -1.01 -1.82 25.31
CA PRO B 203 -1.19 -1.63 23.87
C PRO B 203 -2.67 -1.86 23.50
N ILE B 204 -3.51 -0.86 23.76
CA ILE B 204 -4.99 -1.04 23.66
C ILE B 204 -5.42 -1.27 22.20
N PHE B 205 -4.75 -0.70 21.20
CA PHE B 205 -5.19 -0.82 19.79
C PHE B 205 -4.88 -2.22 19.25
N TRP B 206 -4.30 -3.08 20.08
CA TRP B 206 -3.95 -4.48 19.73
C TRP B 206 -4.82 -5.45 20.55
N TYR B 207 -5.61 -4.90 21.48
CA TYR B 207 -6.33 -5.63 22.56
C TYR B 207 -7.74 -6.02 22.11
N ALA B 208 -8.11 -7.27 22.37
CA ALA B 208 -9.44 -7.85 22.07
C ALA B 208 -10.46 -7.13 22.94
N PRO B 209 -11.72 -6.97 22.51
CA PRO B 209 -12.73 -6.30 23.33
C PRO B 209 -12.73 -6.79 24.79
N GLU B 210 -12.60 -8.10 24.99
CA GLU B 210 -12.79 -8.73 26.32
C GLU B 210 -11.53 -8.50 27.16
N SER B 211 -10.38 -8.24 26.52
CA SER B 211 -9.14 -7.79 27.22
C SER B 211 -9.33 -6.34 27.72
N LEU B 212 -9.88 -5.46 26.88
CA LEU B 212 -10.22 -4.07 27.24
C LEU B 212 -11.26 -4.01 28.35
N THR B 213 -12.36 -4.76 28.29
CA THR B 213 -13.52 -4.56 29.20
C THR B 213 -13.29 -5.27 30.54
N GLU B 214 -12.67 -6.45 30.51
CA GLU B 214 -12.63 -7.41 31.64
C GLU B 214 -11.20 -7.86 31.96
N SER B 215 -10.20 -7.47 31.17
CA SER B 215 -8.80 -7.89 31.35
C SER B 215 -8.66 -9.41 31.17
N LYS B 216 -9.47 -9.99 30.30
CA LYS B 216 -9.41 -11.45 30.04
C LYS B 216 -8.47 -11.68 28.87
N PHE B 217 -7.38 -12.39 29.11
CA PHE B 217 -6.45 -12.79 28.03
C PHE B 217 -6.60 -14.29 27.81
N SER B 218 -6.55 -14.72 26.55
CA SER B 218 -6.67 -16.12 26.11
C SER B 218 -5.90 -16.32 24.81
N VAL B 219 -5.93 -17.54 24.28
CA VAL B 219 -5.39 -17.79 22.93
C VAL B 219 -6.25 -16.98 21.95
N ALA B 220 -7.53 -16.87 22.18
CA ALA B 220 -8.42 -16.10 21.27
C ALA B 220 -8.06 -14.61 21.30
N SER B 221 -7.66 -14.01 22.44
CA SER B 221 -7.14 -12.60 22.47
C SER B 221 -5.76 -12.54 21.80
N ASP B 222 -4.99 -13.62 21.83
CA ASP B 222 -3.72 -13.70 21.07
C ASP B 222 -4.07 -13.65 19.58
N VAL B 223 -5.14 -14.32 19.16
CA VAL B 223 -5.53 -14.42 17.75
C VAL B 223 -5.96 -13.04 17.30
N TRP B 224 -6.87 -12.42 18.05
CA TRP B 224 -7.26 -10.99 17.85
C TRP B 224 -5.99 -10.18 17.59
N SER B 225 -4.98 -10.32 18.45
CA SER B 225 -3.76 -9.47 18.37
C SER B 225 -3.03 -9.81 17.07
N PHE B 226 -3.03 -11.09 16.69
CA PHE B 226 -2.37 -11.58 15.47
C PHE B 226 -3.03 -10.97 14.25
N GLY B 227 -4.33 -10.75 14.32
CA GLY B 227 -5.05 -10.07 13.22
C GLY B 227 -4.41 -8.71 12.97
N VAL B 228 -4.08 -8.01 14.03
CA VAL B 228 -3.51 -6.63 13.97
C VAL B 228 -2.06 -6.76 13.49
N VAL B 229 -1.35 -7.82 13.89
CA VAL B 229 0.02 -8.03 13.31
C VAL B 229 -0.11 -8.14 11.79
N LEU B 230 -1.03 -8.95 11.30
CA LEU B 230 -1.29 -9.09 9.84
C LEU B 230 -1.56 -7.72 9.23
N TYR B 231 -2.33 -6.89 9.94
CA TYR B 231 -2.75 -5.55 9.49
C TYR B 231 -1.49 -4.66 9.41
N GLU B 232 -0.67 -4.78 10.45
CA GLU B 232 0.63 -4.06 10.50
C GLU B 232 1.47 -4.40 9.26
N LEU B 233 1.57 -5.69 8.91
CA LEU B 233 2.50 -6.15 7.86
C LEU B 233 1.99 -5.61 6.52
N PHE B 234 0.70 -5.74 6.26
CA PHE B 234 0.16 -5.40 4.93
C PHE B 234 0.04 -3.89 4.80
N THR B 235 0.16 -3.12 5.88
CA THR B 235 0.23 -1.63 5.78
C THR B 235 1.71 -1.22 5.74
N TYR B 236 2.64 -2.17 5.79
CA TYR B 236 4.11 -1.95 5.72
C TYR B 236 4.57 -0.93 6.77
N ILE B 237 3.99 -1.01 7.97
CA ILE B 237 4.24 -0.10 9.13
C ILE B 237 4.18 1.36 8.68
N GLU B 238 3.26 1.75 7.81
CA GLU B 238 3.03 3.17 7.43
C GLU B 238 2.33 3.85 8.59
N LYS B 239 2.91 4.98 9.04
CA LYS B 239 2.44 5.74 10.21
C LYS B 239 1.00 6.22 9.95
N SER B 240 0.71 6.60 8.70
CA SER B 240 -0.62 7.13 8.31
C SER B 240 -1.69 6.02 8.41
N LYS B 241 -1.29 4.76 8.44
CA LYS B 241 -2.23 3.61 8.41
C LYS B 241 -2.13 2.78 9.68
N SER B 242 -1.36 3.22 10.67
CA SER B 242 -1.12 2.43 11.91
C SER B 242 -2.45 2.19 12.63
N PRO B 243 -2.59 1.07 13.39
CA PRO B 243 -3.75 0.89 14.27
C PRO B 243 -4.10 2.13 15.09
N PRO B 244 -3.16 2.79 15.82
CA PRO B 244 -3.53 3.97 16.61
C PRO B 244 -4.13 5.04 15.70
N ALA B 245 -3.48 5.30 14.57
CA ALA B 245 -3.90 6.35 13.63
C ALA B 245 -5.34 6.06 13.16
N GLU B 246 -5.63 4.84 12.70
CA GLU B 246 -6.95 4.50 12.10
C GLU B 246 -8.06 4.56 13.18
N PHE B 247 -7.81 3.99 14.36
CA PHE B 247 -8.81 3.88 15.45
C PHE B 247 -9.14 5.28 15.96
N MET B 248 -8.14 6.16 16.01
CA MET B 248 -8.31 7.54 16.52
C MET B 248 -9.07 8.35 15.48
N ARG B 249 -8.88 8.05 14.20
CA ARG B 249 -9.64 8.66 13.09
C ARG B 249 -11.12 8.22 13.20
N MET B 250 -11.42 6.96 13.50
CA MET B 250 -12.83 6.49 13.62
C MET B 250 -13.48 7.10 14.87
N ILE B 251 -12.73 7.28 15.95
CA ILE B 251 -13.23 7.84 17.24
C ILE B 251 -13.54 9.34 17.09
N GLY B 252 -12.62 10.11 16.52
CA GLY B 252 -12.55 11.58 16.65
C GLY B 252 -11.58 11.97 17.76
N GLY B 257 -16.65 13.62 26.91
CA GLY B 257 -15.47 13.86 27.78
C GLY B 257 -15.01 12.58 28.46
N GLN B 258 -14.65 11.57 27.66
CA GLN B 258 -14.48 10.16 28.12
C GLN B 258 -13.22 9.57 27.49
N SER B 259 -12.65 8.56 28.14
CA SER B 259 -11.37 7.95 27.74
C SER B 259 -11.42 7.44 26.30
N ILE B 260 -10.24 7.34 25.69
CA ILE B 260 -10.03 6.65 24.41
C ILE B 260 -10.47 5.19 24.56
N VAL B 261 -10.21 4.59 25.71
CA VAL B 261 -10.56 3.17 25.99
C VAL B 261 -12.08 3.00 25.92
N THR B 262 -12.83 3.90 26.55
CA THR B 262 -14.32 3.89 26.50
C THR B 262 -14.76 3.99 25.03
N HIS B 263 -14.20 4.92 24.26
CA HIS B 263 -14.59 5.14 22.84
C HIS B 263 -14.22 3.87 22.04
N LEU B 264 -13.04 3.30 22.26
CA LEU B 264 -12.57 2.08 21.56
C LEU B 264 -13.56 0.93 21.82
N ILE B 265 -13.90 0.62 23.08
CA ILE B 265 -14.88 -0.41 23.49
C ILE B 265 -16.19 -0.20 22.72
N GLU B 266 -16.67 1.04 22.64
CA GLU B 266 -17.95 1.38 21.97
C GLU B 266 -17.78 1.13 20.47
N LEU B 267 -16.68 1.59 19.89
CA LEU B 267 -16.37 1.42 18.46
C LEU B 267 -16.30 -0.09 18.13
N LEU B 268 -15.64 -0.90 18.98
CA LEU B 268 -15.47 -2.35 18.70
C LEU B 268 -16.81 -3.08 18.87
N LYS B 269 -17.63 -2.66 19.84
CA LYS B 269 -18.97 -3.25 20.09
C LYS B 269 -19.87 -2.96 18.89
N ASN B 270 -19.70 -1.79 18.25
CA ASN B 270 -20.51 -1.30 17.10
C ASN B 270 -19.97 -1.89 15.79
N ASN B 271 -18.98 -2.78 15.90
CA ASN B 271 -18.35 -3.54 14.80
C ASN B 271 -17.52 -2.59 13.95
N GLY B 272 -17.09 -1.45 14.49
CA GLY B 272 -15.98 -0.67 13.93
C GLY B 272 -14.74 -1.55 13.80
N ARG B 273 -14.05 -1.53 12.65
CA ARG B 273 -12.82 -2.34 12.46
C ARG B 273 -11.78 -1.60 11.59
N LEU B 274 -10.52 -2.04 11.70
CA LEU B 274 -9.41 -1.52 10.87
C LEU B 274 -9.77 -1.78 9.41
N PRO B 275 -9.45 -0.88 8.45
CA PRO B 275 -9.85 -1.07 7.06
C PRO B 275 -8.96 -2.10 6.36
N ARG B 276 -9.34 -2.51 5.17
CA ARG B 276 -8.50 -3.41 4.34
C ARG B 276 -7.27 -2.62 3.89
N PRO B 277 -6.03 -3.07 4.22
CA PRO B 277 -4.83 -2.45 3.68
C PRO B 277 -4.82 -2.48 2.15
N ASP B 278 -4.30 -1.41 1.56
CA ASP B 278 -4.28 -1.21 0.09
C ASP B 278 -3.62 -2.44 -0.54
N GLY B 279 -4.38 -3.18 -1.35
CA GLY B 279 -3.90 -4.34 -2.12
C GLY B 279 -3.74 -5.57 -1.28
N CYS B 280 -4.21 -5.54 -0.02
CA CYS B 280 -4.23 -6.77 0.81
C CYS B 280 -5.03 -7.81 0.03
N PRO B 281 -4.55 -9.06 -0.25
CA PRO B 281 -5.37 -10.08 -0.92
C PRO B 281 -6.68 -10.36 -0.18
N ASP B 282 -7.75 -10.64 -0.92
CA ASP B 282 -9.08 -10.96 -0.36
C ASP B 282 -8.98 -11.89 0.87
N GLU B 283 -8.27 -13.01 0.72
CA GLU B 283 -8.23 -14.09 1.73
C GLU B 283 -7.47 -13.65 2.98
N ILE B 284 -6.56 -12.67 2.87
CA ILE B 284 -5.75 -12.19 4.04
C ILE B 284 -6.60 -11.17 4.78
N TYR B 285 -7.39 -10.34 4.08
CA TYR B 285 -8.35 -9.43 4.75
C TYR B 285 -9.39 -10.28 5.47
N MET B 286 -9.90 -11.33 4.82
CA MET B 286 -10.94 -12.21 5.41
C MET B 286 -10.39 -12.82 6.70
N ILE B 287 -9.13 -13.30 6.69
CA ILE B 287 -8.46 -13.84 7.91
C ILE B 287 -8.40 -12.75 8.98
N MET B 288 -7.85 -11.55 8.69
CA MET B 288 -7.88 -10.39 9.63
C MET B 288 -9.27 -10.28 10.28
N THR B 289 -10.32 -10.17 9.46
CA THR B 289 -11.73 -9.92 9.90
C THR B 289 -12.25 -11.02 10.84
N GLU B 290 -11.84 -12.27 10.65
CA GLU B 290 -12.24 -13.44 11.50
C GLU B 290 -11.47 -13.43 12.83
N CYS B 291 -10.20 -13.04 12.84
CA CYS B 291 -9.42 -12.82 14.08
C CYS B 291 -10.09 -11.74 14.94
N TRP B 292 -10.78 -10.77 14.32
CA TRP B 292 -11.48 -9.65 14.99
C TRP B 292 -12.99 -9.91 15.14
N ASN B 293 -13.40 -11.18 15.27
CA ASN B 293 -14.78 -11.52 15.71
C ASN B 293 -14.94 -11.06 17.16
N ASN B 294 -16.09 -10.46 17.51
CA ASN B 294 -16.39 -10.10 18.91
C ASN B 294 -16.38 -11.38 19.74
N ASN B 295 -16.92 -12.49 19.19
CA ASN B 295 -17.08 -13.77 19.94
C ASN B 295 -15.73 -14.49 19.97
N VAL B 296 -15.19 -14.73 21.18
CA VAL B 296 -13.91 -15.42 21.41
C VAL B 296 -13.94 -16.77 20.70
N ASN B 297 -15.09 -17.45 20.72
CA ASN B 297 -15.19 -18.89 20.33
C ASN B 297 -15.21 -19.00 18.80
N GLN B 298 -15.45 -17.91 18.09
CA GLN B 298 -15.54 -17.88 16.60
C GLN B 298 -14.24 -17.38 15.97
N ARG B 299 -13.15 -17.27 16.72
CA ARG B 299 -11.84 -16.82 16.16
C ARG B 299 -11.13 -18.07 15.69
N PRO B 300 -10.39 -18.03 14.56
CA PRO B 300 -9.63 -19.19 14.11
C PRO B 300 -8.54 -19.64 15.11
N SER B 301 -8.14 -20.91 15.00
CA SER B 301 -6.96 -21.46 15.71
C SER B 301 -5.68 -21.00 15.04
N PHE B 302 -4.55 -21.02 15.75
CA PHE B 302 -3.21 -20.78 15.12
C PHE B 302 -2.89 -21.92 14.13
N ARG B 303 -3.29 -23.15 14.40
CA ARG B 303 -3.03 -24.28 13.45
C ARG B 303 -3.74 -23.99 12.12
N ASP B 304 -5.03 -23.61 12.16
CA ASP B 304 -5.85 -23.20 10.98
C ASP B 304 -5.28 -21.96 10.27
N LEU B 305 -4.86 -20.95 11.02
CA LEU B 305 -4.28 -19.70 10.46
C LEU B 305 -3.02 -20.04 9.64
N ALA B 306 -2.10 -20.82 10.21
CA ALA B 306 -0.86 -21.31 9.55
C ALA B 306 -1.18 -21.96 8.20
N LEU B 307 -2.15 -22.89 8.18
CA LEU B 307 -2.55 -23.64 6.95
C LEU B 307 -3.09 -22.64 5.91
N ARG B 308 -4.02 -21.75 6.31
CA ARG B 308 -4.67 -20.81 5.36
C ARG B 308 -3.61 -19.87 4.76
N VAL B 309 -2.73 -19.33 5.60
CA VAL B 309 -1.64 -18.40 5.15
C VAL B 309 -0.65 -19.15 4.24
N ASP B 310 -0.20 -20.34 4.61
CA ASP B 310 0.65 -21.21 3.74
C ASP B 310 0.00 -21.37 2.36
N GLN B 311 -1.32 -21.59 2.35
CA GLN B 311 -2.08 -21.92 1.13
C GLN B 311 -2.21 -20.68 0.27
N ILE B 312 -2.59 -19.53 0.85
CA ILE B 312 -2.63 -18.22 0.13
C ILE B 312 -1.27 -17.98 -0.51
N ARG B 313 -0.19 -18.27 0.23
CA ARG B 313 1.20 -18.04 -0.25
C ARG B 313 1.49 -19.01 -1.40
N ASP B 314 1.12 -20.28 -1.29
CA ASP B 314 1.35 -21.31 -2.33
C ASP B 314 0.62 -20.89 -3.62
N ASN B 315 -0.62 -20.39 -3.49
CA ASN B 315 -1.50 -20.00 -4.62
C ASN B 315 -0.97 -18.74 -5.36
N MET B 316 -0.04 -18.01 -4.76
CA MET B 316 0.61 -16.82 -5.38
C MET B 316 1.95 -17.26 -5.99
#